data_4CYL
#
_entry.id   4CYL
#
_cell.length_a   1.000
_cell.length_b   1.000
_cell.length_c   1.000
_cell.angle_alpha   90.00
_cell.angle_beta   90.00
_cell.angle_gamma   90.00
#
_symmetry.space_group_name_H-M   'P 1'
#
_entity_poly.entity_id   1
_entity_poly.type   'polypeptide(L)'
_entity_poly.pdbx_seq_one_letter_code
;MEPPFEWSPQFILLLLAVTTYGFPLEEKFDGLFRAEPPHCSKTPIVRAQTSQNAMSSIARGMQMQFSIGLHTAVCFRLYE
DTQLASQEINDDENAGNQTSLLHTIRLEKLEHHHPITQRYTFGIPEVHASCICECDATSSTCTAESHQFTACPESDKSDE
TSSCYRTFFPNQTPIGCSEDDIPKLCCDVRFKPYKNMTFLAVKLEQPTTYATFVYAAYDFVNGYWVEKDKTKIRSQLDGG
TQDRHLDQKRRISLAVTAGGRASHQLETGMYFSRTSNGGETEELRMQPLNEITDNNFDRLGWYRMDDSGHFHVNNGVVKM
DDIHKAKVKNCKEQTYKSILSANHYMPGHFNLTRPLEVIKPWIQSARIFDSSLRQAVVTHAEGTNLQISIHLDDEVESQN
LVFFHNASRIRDFSGSIIVDSKSNRLFNLTVYEASGKIDGSVKMSTGFGSDTIHTFTAYVSDLHASNRSMIIPLPAIVGQ
GARAICLRADSMADIDKICHVIEYFESPLEIDLVEGKWHEMIGTCPTCNQINFNGMMKFLNPAHWIKGISSIGDGVMIAT
DIVVYLGVLCILYLLITKIIVPLVRCWVCPMSIFCNGSSSSSKNKNDKRRKEREERRRKDKFVSESEDGARSSSEPHDTL
ARYHGNHSERHYSSSQYI
;
_entity_poly.pdbx_strand_id   A
#
# COMPACT_ATOMS: atom_id res chain seq x y z
N ARG A 34 20.73 17.47 -20.41
CA ARG A 34 19.94 16.34 -20.91
C ARG A 34 18.41 16.61 -21.04
N ALA A 35 18.01 17.90 -20.79
CA ALA A 35 16.65 18.46 -20.80
C ALA A 35 15.81 18.07 -22.04
N GLU A 36 14.63 17.43 -21.83
CA GLU A 36 13.77 16.95 -22.90
C GLU A 36 12.28 17.04 -22.58
N PRO A 37 11.42 17.49 -23.53
CA PRO A 37 9.97 17.54 -23.27
C PRO A 37 9.29 16.18 -23.32
N PRO A 38 8.14 15.97 -22.67
CA PRO A 38 7.45 14.68 -22.81
C PRO A 38 6.69 14.60 -24.13
N HIS A 39 6.21 13.42 -24.50
CA HIS A 39 5.42 13.29 -25.71
C HIS A 39 4.16 14.17 -25.56
N CYS A 40 4.01 15.13 -26.46
CA CYS A 40 2.89 16.06 -26.49
C CYS A 40 1.71 15.35 -27.06
N SER A 41 0.70 15.12 -26.25
CA SER A 41 -0.43 14.36 -26.76
C SER A 41 -1.32 15.16 -27.66
N LYS A 42 -2.01 14.45 -28.56
CA LYS A 42 -3.02 14.91 -29.51
C LYS A 42 -4.31 15.08 -28.68
N THR A 43 -4.76 16.33 -28.49
CA THR A 43 -5.94 16.59 -27.70
C THR A 43 -6.83 17.59 -28.38
N PRO A 44 -8.14 17.32 -28.51
CA PRO A 44 -9.05 18.35 -29.07
C PRO A 44 -9.17 19.48 -28.05
N ILE A 45 -9.21 20.74 -28.53
CA ILE A 45 -9.29 21.95 -27.71
C ILE A 45 -10.59 22.71 -27.97
N VAL A 46 -11.31 23.04 -26.90
CA VAL A 46 -12.57 23.75 -26.96
C VAL A 46 -12.26 25.21 -26.57
N ARG A 47 -12.71 26.16 -27.42
CA ARG A 47 -12.54 27.58 -27.21
C ARG A 47 -13.80 28.06 -26.52
N ALA A 48 -13.66 28.53 -25.29
CA ALA A 48 -14.75 29.03 -24.48
C ALA A 48 -14.50 30.50 -24.30
N GLN A 49 -15.57 31.28 -24.07
CA GLN A 49 -15.38 32.71 -23.83
C GLN A 49 -15.77 33.04 -22.43
N THR A 50 -14.90 33.79 -21.76
CA THR A 50 -15.13 34.24 -20.39
C THR A 50 -16.27 35.26 -20.34
N SER A 51 -17.12 35.17 -19.31
CA SER A 51 -18.23 36.10 -19.05
C SER A 51 -17.66 37.53 -18.86
N GLN A 52 -18.51 38.58 -18.86
CA GLN A 52 -17.95 39.93 -18.67
C GLN A 52 -18.68 40.78 -17.65
N ASN A 53 -17.99 41.78 -17.06
CA ASN A 53 -18.53 42.74 -16.10
C ASN A 53 -18.72 44.11 -16.76
N ALA A 54 -19.26 45.09 -15.99
CA ALA A 54 -19.44 46.47 -16.45
C ALA A 54 -18.04 47.15 -16.44
N MET A 55 -17.18 46.71 -17.41
CA MET A 55 -15.79 47.12 -17.61
C MET A 55 -15.27 46.68 -19.01
N SER A 56 -13.92 46.56 -19.14
CA SER A 56 -13.20 46.14 -20.35
C SER A 56 -13.41 44.66 -20.63
N SER A 57 -12.86 44.16 -21.64
N ARG A 60 -13.00 41.20 -22.66
CA ARG A 60 -13.45 40.41 -23.81
C ARG A 60 -12.49 39.22 -24.06
N GLY A 61 -12.20 38.47 -22.98
CA GLY A 61 -11.27 37.33 -22.94
C GLY A 61 -11.78 36.02 -23.56
N MET A 62 -10.95 34.97 -23.42
CA MET A 62 -11.16 33.62 -23.95
C MET A 62 -10.38 32.55 -23.20
N GLN A 63 -11.00 31.35 -23.05
CA GLN A 63 -10.39 30.22 -22.35
C GLN A 63 -10.21 28.98 -23.25
N MET A 64 -9.04 28.33 -23.16
CA MET A 64 -8.75 27.14 -23.96
C MET A 64 -9.04 25.92 -23.09
N GLN A 65 -10.03 25.09 -23.50
CA GLN A 65 -10.49 23.94 -22.72
C GLN A 65 -10.13 22.59 -23.30
N PHE A 66 -9.69 21.65 -22.45
CA PHE A 66 -9.29 20.29 -22.84
C PHE A 66 -9.31 19.31 -21.67
N SER A 67 -9.46 18.01 -21.97
CA SER A 67 -9.47 16.97 -20.95
C SER A 67 -8.10 16.25 -20.89
N ILE A 68 -7.27 16.55 -19.87
CA ILE A 68 -5.97 15.87 -19.76
C ILE A 68 -6.12 14.48 -19.09
N GLY A 69 -5.39 13.50 -19.60
CA GLY A 69 -5.38 12.15 -19.06
C GLY A 69 -4.28 11.97 -18.04
N LEU A 70 -4.47 11.06 -17.08
CA LEU A 70 -3.42 10.79 -16.10
C LEU A 70 -2.24 10.08 -16.82
N HIS A 71 -0.99 10.44 -16.48
CA HIS A 71 0.24 9.89 -17.09
C HIS A 71 0.41 10.22 -18.58
N THR A 72 -0.05 11.45 -18.97
CA THR A 72 0.04 12.03 -20.34
C THR A 72 0.38 13.50 -20.24
N ALA A 73 0.83 14.09 -21.37
CA ALA A 73 1.24 15.48 -21.40
C ALA A 73 0.51 16.31 -22.44
N VAL A 74 0.44 17.62 -22.20
CA VAL A 74 -0.16 18.59 -23.11
C VAL A 74 0.83 19.74 -23.41
N CYS A 75 1.03 20.05 -24.72
CA CYS A 75 1.96 21.08 -25.18
C CYS A 75 1.33 22.24 -25.90
N PHE A 76 1.85 23.45 -25.67
CA PHE A 76 1.40 24.67 -26.34
C PHE A 76 2.41 25.81 -26.36
N ARG A 77 2.26 26.70 -27.36
CA ARG A 77 3.06 27.91 -27.59
C ARG A 77 2.18 29.18 -27.49
N LEU A 78 2.71 30.27 -26.87
CA LEU A 78 1.98 31.53 -26.74
C LEU A 78 2.45 32.59 -27.75
N TYR A 79 1.52 33.04 -28.63
CA TYR A 79 1.74 34.04 -29.69
C TYR A 79 0.93 35.30 -29.48
N GLU A 80 1.05 36.23 -30.34
N LEU A 101 9.91 29.56 -26.50
CA LEU A 101 9.41 28.95 -25.26
C LEU A 101 8.08 28.16 -25.37
N LEU A 102 8.22 26.83 -25.49
CA LEU A 102 7.16 25.82 -25.60
C LEU A 102 6.74 25.34 -24.18
N HIS A 103 5.44 25.56 -23.82
CA HIS A 103 4.88 25.24 -22.51
C HIS A 103 4.28 23.85 -22.46
N THR A 104 4.70 23.05 -21.44
CA THR A 104 4.22 21.68 -21.25
C THR A 104 3.66 21.44 -19.85
N ILE A 105 2.54 20.70 -19.77
CA ILE A 105 1.92 20.25 -18.52
C ILE A 105 1.64 18.76 -18.57
N ARG A 106 2.14 18.02 -17.58
CA ARG A 106 2.00 16.57 -17.46
C ARG A 106 1.28 16.24 -16.17
N LEU A 107 0.12 15.55 -16.24
CA LEU A 107 -0.62 15.08 -15.05
C LEU A 107 0.15 13.85 -14.57
N GLU A 108 1.11 14.11 -13.66
CA GLU A 108 2.09 13.17 -13.13
C GLU A 108 1.54 12.17 -12.12
N LYS A 109 0.92 12.67 -11.04
CA LYS A 109 0.39 11.89 -9.94
C LYS A 109 -1.08 12.16 -9.58
N LEU A 110 -1.77 11.08 -9.16
CA LEU A 110 -3.12 11.12 -8.62
C LEU A 110 -3.06 10.42 -7.26
N GLU A 111 -3.43 11.15 -6.21
CA GLU A 111 -3.34 10.62 -4.85
C GLU A 111 -4.59 10.90 -4.04
N HIS A 112 -4.91 9.92 -3.20
CA HIS A 112 -5.96 9.95 -2.18
C HIS A 112 -5.17 10.07 -0.87
N HIS A 113 -5.69 10.80 0.13
CA HIS A 113 -4.88 10.93 1.30
C HIS A 113 -5.15 9.81 2.19
N HIS A 114 -4.25 9.70 3.16
CA HIS A 114 -4.26 8.55 4.00
C HIS A 114 -4.97 8.92 5.26
N PRO A 115 -4.54 9.93 5.96
CA PRO A 115 -4.91 10.04 7.34
C PRO A 115 -6.36 10.08 7.67
N ILE A 116 -6.74 9.02 8.40
CA ILE A 116 -7.16 9.17 9.75
C ILE A 116 -6.14 8.49 10.60
N THR A 117 -6.22 8.72 11.91
CA THR A 117 -5.03 8.82 12.69
C THR A 117 -4.24 7.57 12.65
N GLN A 118 -4.81 6.39 12.98
CA GLN A 118 -4.07 5.71 14.04
C GLN A 118 -2.69 5.22 13.53
N ARG A 119 -1.71 5.07 14.44
CA ARG A 119 -0.32 4.70 14.17
C ARG A 119 0.29 4.08 15.40
N TYR A 120 1.07 3.03 15.20
CA TYR A 120 1.78 2.33 16.25
C TYR A 120 2.75 1.34 15.62
N THR A 121 3.99 1.32 16.12
CA THR A 121 4.99 0.38 15.64
C THR A 121 4.74 -0.96 16.38
N PHE A 122 4.97 -2.09 15.70
CA PHE A 122 4.81 -3.41 16.31
C PHE A 122 5.84 -4.34 15.73
N GLY A 123 5.93 -5.55 16.28
CA GLY A 123 6.87 -6.57 15.81
C GLY A 123 6.30 -7.97 15.85
N ILE A 124 7.15 -8.99 15.67
CA ILE A 124 6.78 -10.40 15.75
C ILE A 124 7.61 -11.02 16.88
N PRO A 125 6.99 -11.58 17.94
CA PRO A 125 7.79 -12.09 19.05
C PRO A 125 8.17 -13.56 18.93
N GLU A 126 9.37 -13.85 19.44
CA GLU A 126 9.94 -15.18 19.59
C GLU A 126 9.67 -15.50 21.04
N VAL A 127 8.80 -16.49 21.26
CA VAL A 127 8.30 -16.92 22.58
C VAL A 127 9.02 -18.19 23.12
N HIS A 128 9.40 -18.15 24.41
CA HIS A 128 10.08 -19.24 25.12
C HIS A 128 9.54 -19.27 26.54
N ALA A 129 9.06 -20.44 26.99
CA ALA A 129 8.54 -20.57 28.36
C ALA A 129 9.30 -21.63 29.15
N SER A 130 9.87 -21.20 30.29
CA SER A 130 10.58 -22.06 31.24
C SER A 130 9.72 -22.15 32.50
N CYS A 131 9.45 -23.38 32.97
CA CYS A 131 8.63 -23.64 34.16
C CYS A 131 9.39 -24.35 35.28
N ILE A 132 8.67 -24.61 36.40
CA ILE A 132 9.12 -25.31 37.63
C ILE A 132 7.91 -25.75 38.44
N CYS A 133 7.94 -27.01 38.94
CA CYS A 133 6.87 -27.57 39.77
C CYS A 133 7.24 -27.67 41.26
N GLU A 134 6.23 -27.40 42.12
CA GLU A 134 6.32 -27.53 43.58
C GLU A 134 5.19 -28.44 44.07
N CYS A 135 5.57 -29.68 44.44
CA CYS A 135 4.73 -30.79 44.91
C CYS A 135 3.84 -30.46 46.10
N ASP A 136 4.37 -29.67 47.05
CA ASP A 136 3.68 -29.28 48.28
C ASP A 136 3.00 -27.92 48.08
N ALA A 137 1.65 -27.92 48.10
CA ALA A 137 0.80 -26.75 47.91
C ALA A 137 1.03 -25.59 48.89
N THR A 138 1.78 -25.84 49.99
CA THR A 138 2.05 -24.87 51.07
C THR A 138 3.39 -24.12 50.90
N SER A 139 4.33 -24.71 50.14
CA SER A 139 5.70 -24.23 49.84
C SER A 139 5.84 -22.73 49.54
N SER A 140 6.99 -22.14 49.93
CA SER A 140 7.29 -20.72 49.73
C SER A 140 7.70 -20.44 48.27
N THR A 141 8.27 -21.46 47.60
CA THR A 141 8.68 -21.38 46.19
C THR A 141 7.48 -21.72 45.29
N CYS A 142 7.27 -20.91 44.22
CA CYS A 142 6.15 -20.99 43.27
C CYS A 142 4.88 -20.52 43.98
N THR A 143 4.65 -19.20 44.02
CA THR A 143 3.48 -18.62 44.69
C THR A 143 2.78 -17.57 43.86
N ALA A 144 1.50 -17.30 44.22
CA ALA A 144 0.69 -16.27 43.60
C ALA A 144 1.43 -14.92 43.62
N GLU A 145 2.04 -14.53 44.76
CA GLU A 145 2.76 -13.26 44.84
C GLU A 145 4.02 -13.23 43.96
N SER A 146 4.66 -14.38 43.79
CA SER A 146 5.87 -14.47 42.98
C SER A 146 5.61 -14.63 41.49
N HIS A 147 4.49 -15.29 41.12
CA HIS A 147 4.18 -15.58 39.73
C HIS A 147 2.96 -14.93 39.11
N GLN A 148 1.79 -14.95 39.78
CA GLN A 148 0.56 -14.33 39.26
C GLN A 148 0.65 -12.78 39.03
N PHE A 149 0.45 -12.35 37.76
CA PHE A 149 0.46 -10.95 37.28
C PHE A 149 1.71 -10.18 37.64
N THR A 150 2.87 -10.61 37.11
CA THR A 150 4.17 -9.98 37.37
C THR A 150 5.24 -10.34 36.34
N ALA A 151 6.11 -9.38 36.03
CA ALA A 151 7.23 -9.57 35.13
C ALA A 151 8.37 -10.14 35.98
N CYS A 152 9.07 -11.16 35.46
CA CYS A 152 10.21 -11.76 36.16
C CYS A 152 11.25 -10.65 36.44
N PRO A 153 11.56 -10.30 37.72
CA PRO A 153 12.49 -9.19 37.99
C PRO A 153 13.87 -9.29 37.35
N GLU A 154 14.49 -8.11 37.11
CA GLU A 154 15.77 -7.87 36.45
C GLU A 154 16.89 -8.88 36.74
N SER A 155 17.46 -9.46 35.64
CA SER A 155 18.55 -10.43 35.66
C SER A 155 19.94 -9.72 35.64
N ASP A 156 19.95 -8.42 35.27
CA ASP A 156 21.11 -7.48 35.18
C ASP A 156 22.09 -7.72 34.01
N LYS A 157 22.29 -9.00 33.63
CA LYS A 157 23.16 -9.42 32.52
C LYS A 157 22.34 -9.70 31.24
N SER A 158 21.19 -10.45 31.37
CA SER A 158 20.26 -10.85 30.29
C SER A 158 19.83 -9.68 29.39
N ASP A 159 19.51 -9.97 28.11
CA ASP A 159 19.15 -9.02 27.06
C ASP A 159 18.05 -8.00 27.36
N GLU A 160 18.29 -6.76 26.91
CA GLU A 160 17.42 -5.58 27.06
C GLU A 160 16.19 -5.73 26.16
N THR A 161 16.38 -6.40 24.99
CA THR A 161 15.36 -6.68 23.97
C THR A 161 14.31 -7.69 24.46
N SER A 162 14.69 -8.60 25.36
CA SER A 162 13.79 -9.61 25.91
C SER A 162 12.74 -8.97 26.84
N SER A 163 11.55 -9.56 26.85
CA SER A 163 10.41 -9.11 27.62
C SER A 163 9.74 -10.35 28.21
N CYS A 164 9.78 -10.52 29.55
CA CYS A 164 9.19 -11.70 30.21
C CYS A 164 8.00 -11.44 31.13
N TYR A 165 7.13 -12.45 31.27
CA TYR A 165 5.90 -12.41 32.05
C TYR A 165 5.69 -13.72 32.80
N ARG A 166 5.22 -13.64 34.06
CA ARG A 166 5.00 -14.82 34.92
C ARG A 166 3.53 -15.22 35.08
N THR A 167 3.30 -16.55 35.13
CA THR A 167 1.97 -17.15 35.26
C THR A 167 1.96 -18.26 36.34
N PHE A 168 0.86 -18.33 37.11
CA PHE A 168 0.67 -19.24 38.24
C PHE A 168 -0.36 -20.35 37.99
N PHE A 169 0.12 -21.61 37.97
CA PHE A 169 -0.69 -22.81 37.68
C PHE A 169 -0.78 -23.77 38.89
N PRO A 170 -1.73 -23.53 39.81
CA PRO A 170 -1.89 -24.43 40.96
C PRO A 170 -2.97 -25.49 40.76
N ASN A 171 -3.29 -26.27 41.81
CA ASN A 171 -4.33 -27.31 41.83
C ASN A 171 -4.00 -28.49 40.91
N GLN A 172 -2.69 -28.78 40.82
CA GLN A 172 -2.19 -29.86 39.98
C GLN A 172 -2.49 -31.26 40.49
N THR A 173 -2.17 -32.25 39.66
CA THR A 173 -2.34 -33.66 39.95
C THR A 173 -1.00 -34.22 40.50
N PRO A 174 -0.97 -35.03 41.59
CA PRO A 174 0.33 -35.50 42.13
C PRO A 174 0.99 -36.66 41.35
N ILE A 175 1.53 -36.35 40.17
CA ILE A 175 2.25 -37.32 39.33
C ILE A 175 3.76 -37.25 39.66
N GLY A 176 4.30 -38.35 40.18
CA GLY A 176 5.67 -38.44 40.67
C GLY A 176 5.73 -37.68 41.97
N CYS A 177 4.74 -37.94 42.85
CA CYS A 177 4.51 -37.28 44.13
C CYS A 177 3.66 -38.14 45.06
N SER A 178 3.19 -37.54 46.20
CA SER A 178 2.34 -38.21 47.19
C SER A 178 0.85 -37.92 46.97
N GLU A 179 0.05 -39.00 46.96
CA GLU A 179 -1.40 -39.09 46.72
C GLU A 179 -2.32 -38.00 47.34
N ASP A 180 -1.86 -37.36 48.43
CA ASP A 180 -2.64 -36.34 49.13
C ASP A 180 -2.22 -34.88 48.81
N ASP A 181 -0.91 -34.61 48.61
CA ASP A 181 -0.45 -33.24 48.31
C ASP A 181 -0.64 -32.80 46.82
N ILE A 182 -1.46 -31.73 46.61
CA ILE A 182 -1.84 -31.13 45.33
C ILE A 182 -0.80 -30.11 44.77
N PRO A 183 -0.03 -30.47 43.73
CA PRO A 183 1.04 -29.56 43.25
C PRO A 183 0.66 -28.20 42.64
N LYS A 184 1.69 -27.43 42.27
CA LYS A 184 1.61 -26.11 41.64
C LYS A 184 2.76 -25.87 40.66
N LEU A 185 2.45 -25.25 39.50
CA LEU A 185 3.40 -24.97 38.41
C LEU A 185 3.62 -23.46 38.21
N CYS A 186 4.88 -23.05 37.97
CA CYS A 186 5.25 -21.65 37.81
C CYS A 186 6.18 -21.40 36.64
N CYS A 187 5.71 -20.55 35.70
CA CYS A 187 6.34 -20.26 34.42
C CYS A 187 6.74 -18.80 34.12
N ASP A 188 7.84 -18.64 33.34
CA ASP A 188 8.36 -17.34 32.87
C ASP A 188 8.22 -17.29 31.34
N VAL A 189 7.18 -16.61 30.83
CA VAL A 189 6.95 -16.50 29.38
C VAL A 189 7.85 -15.40 28.87
N ARG A 190 8.81 -15.73 27.98
CA ARG A 190 9.82 -14.80 27.45
C ARG A 190 9.59 -14.42 25.98
N PHE A 191 9.70 -13.12 25.67
CA PHE A 191 9.46 -12.60 24.32
C PHE A 191 10.55 -11.64 23.88
N LYS A 192 11.10 -11.92 22.71
CA LYS A 192 12.13 -11.10 22.05
C LYS A 192 11.78 -10.97 20.56
N PRO A 193 12.18 -9.87 19.92
CA PRO A 193 11.86 -9.64 18.51
C PRO A 193 12.49 -10.70 17.62
N TYR A 194 11.79 -11.11 16.57
CA TYR A 194 12.32 -12.12 15.68
C TYR A 194 12.88 -11.49 14.41
N LYS A 195 14.18 -11.65 14.22
CA LYS A 195 14.86 -11.15 13.04
C LYS A 195 14.80 -9.62 13.02
N ASN A 196 14.57 -9.03 14.17
CA ASN A 196 14.50 -7.59 14.27
C ASN A 196 13.46 -7.03 13.30
N MET A 197 12.34 -7.72 13.17
CA MET A 197 11.31 -7.28 12.23
C MET A 197 10.48 -6.15 12.83
N THR A 198 10.38 -5.05 12.10
CA THR A 198 9.65 -3.88 12.57
C THR A 198 8.61 -3.41 11.55
N PHE A 199 7.40 -3.13 12.00
CA PHE A 199 6.35 -2.66 11.10
C PHE A 199 5.54 -1.54 11.74
N LEU A 200 5.02 -0.61 10.90
CA LEU A 200 4.12 0.41 11.37
C LEU A 200 2.73 -0.03 11.03
N ALA A 201 1.78 0.14 11.97
CA ALA A 201 0.38 -0.17 11.80
C ALA A 201 -0.33 1.13 11.58
N VAL A 202 -1.12 1.25 10.52
CA VAL A 202 -1.80 2.50 10.16
C VAL A 202 -3.30 2.36 9.94
N LYS A 203 -4.10 3.33 10.43
CA LYS A 203 -5.54 3.27 10.18
C LYS A 203 -5.87 4.24 9.09
N LEU A 204 -6.20 3.69 7.90
CA LEU A 204 -5.36 3.95 6.76
C LEU A 204 -5.98 5.01 5.93
N GLU A 205 -5.61 5.02 4.63
CA GLU A 205 -5.94 6.08 3.73
C GLU A 205 -7.41 6.24 3.70
N GLN A 206 -7.87 7.47 3.95
CA GLN A 206 -9.23 7.81 3.68
C GLN A 206 -9.10 8.95 2.76
N PRO A 207 -9.82 8.90 1.69
CA PRO A 207 -9.60 9.75 0.55
C PRO A 207 -9.76 11.21 0.75
N THR A 208 -8.70 11.96 0.39
CA THR A 208 -8.94 13.26 -0.13
C THR A 208 -8.23 13.28 -1.41
N THR A 209 -8.73 14.03 -2.39
CA THR A 209 -8.02 13.70 -3.62
C THR A 209 -7.16 14.84 -4.08
N TYR A 210 -5.93 14.57 -4.46
CA TYR A 210 -5.09 15.62 -5.03
C TYR A 210 -4.53 15.21 -6.33
N ALA A 211 -4.40 16.15 -7.26
CA ALA A 211 -3.67 15.93 -8.51
C ALA A 211 -2.33 16.67 -8.44
N THR A 212 -1.30 16.06 -8.99
CA THR A 212 0.03 16.65 -9.05
C THR A 212 0.40 16.77 -10.51
N PHE A 213 0.60 18.02 -10.94
CA PHE A 213 0.99 18.34 -12.31
C PHE A 213 2.43 18.76 -12.39
N VAL A 214 3.06 18.55 -13.55
CA VAL A 214 4.43 19.02 -13.75
C VAL A 214 4.50 19.99 -14.90
N TYR A 215 4.73 21.27 -14.57
CA TYR A 215 4.87 22.35 -15.55
C TYR A 215 6.31 22.62 -15.87
N ALA A 216 6.68 22.45 -17.13
CA ALA A 216 8.01 22.69 -17.66
C ALA A 216 7.95 23.51 -18.97
N ALA A 217 8.83 24.52 -19.10
CA ALA A 217 8.91 25.38 -20.28
C ALA A 217 10.27 25.17 -20.93
N TYR A 218 10.26 24.64 -22.16
CA TYR A 218 11.45 24.30 -22.93
C TYR A 218 11.75 25.29 -24.06
N ASP A 219 13.03 25.44 -24.41
CA ASP A 219 13.52 26.28 -25.51
C ASP A 219 14.52 25.48 -26.34
N PHE A 220 14.51 25.67 -27.68
CA PHE A 220 15.40 24.96 -28.59
C PHE A 220 16.64 25.82 -28.96
N VAL A 221 17.68 25.79 -28.08
CA VAL A 221 18.88 26.59 -28.31
C VAL A 221 20.06 25.83 -28.89
N ASN A 222 20.20 25.98 -30.21
CA ASN A 222 21.26 25.43 -31.05
C ASN A 222 21.35 23.92 -30.97
N GLY A 223 20.44 23.27 -31.68
CA GLY A 223 20.37 21.82 -31.80
C GLY A 223 19.72 21.04 -30.68
N TYR A 224 19.61 21.61 -29.46
CA TYR A 224 19.06 20.90 -28.29
C TYR A 224 17.99 21.68 -27.52
N TRP A 225 17.19 20.94 -26.69
CA TRP A 225 16.11 21.45 -25.82
C TRP A 225 16.66 21.88 -24.46
N VAL A 226 16.11 22.98 -23.90
CA VAL A 226 16.52 23.50 -22.60
C VAL A 226 15.34 23.76 -21.65
N GLU A 227 15.28 22.99 -20.55
CA GLU A 227 14.25 23.10 -19.51
C GLU A 227 14.51 24.42 -18.78
N LYS A 228 13.76 25.47 -19.15
CA LYS A 228 13.92 26.79 -18.54
C LYS A 228 13.29 26.80 -17.16
N ASP A 229 11.96 26.82 -17.08
CA ASP A 229 11.24 26.77 -15.81
C ASP A 229 10.66 25.35 -15.57
N LYS A 230 10.62 24.88 -14.29
CA LYS A 230 10.07 23.56 -13.92
C LYS A 230 9.48 23.57 -12.51
N THR A 231 8.15 23.46 -12.46
CA THR A 231 7.39 23.47 -11.21
C THR A 231 6.51 22.22 -11.04
N LYS A 232 6.02 22.04 -9.81
CA LYS A 232 5.08 21.00 -9.44
C LYS A 232 3.84 21.77 -9.04
N ILE A 233 2.72 21.46 -9.70
CA ILE A 233 1.44 22.08 -9.40
C ILE A 233 0.62 21.05 -8.64
N ARG A 234 -0.01 21.46 -7.51
CA ARG A 234 -0.89 20.59 -6.73
C ARG A 234 -2.30 21.21 -6.72
N SER A 235 -3.32 20.41 -7.02
CA SER A 235 -4.69 20.86 -7.06
C SER A 235 -5.63 19.84 -6.37
N GLN A 236 -6.51 20.30 -5.44
CA GLN A 236 -7.51 19.48 -4.76
C GLN A 236 -8.65 19.29 -5.72
N LEU A 237 -9.05 18.02 -5.87
CA LEU A 237 -10.06 17.56 -6.79
C LEU A 237 -11.46 17.34 -6.23
N ASP A 238 -11.67 17.43 -4.92
CA ASP A 238 -13.02 17.15 -4.36
C ASP A 238 -14.03 18.30 -4.41
N GLY A 239 -13.56 19.52 -4.54
CA GLY A 239 -14.47 20.65 -4.60
C GLY A 239 -14.62 21.21 -6.00
N GLY A 240 -14.91 22.50 -6.07
CA GLY A 240 -15.04 23.22 -7.32
C GLY A 240 -13.71 23.41 -8.03
N THR A 241 -13.70 24.29 -9.05
CA THR A 241 -12.49 24.58 -9.83
C THR A 241 -11.44 25.21 -8.92
N GLN A 242 -10.18 24.85 -9.16
CA GLN A 242 -9.01 25.36 -8.47
C GLN A 242 -8.16 26.02 -9.55
N ASP A 243 -7.64 27.22 -9.26
CA ASP A 243 -6.93 28.08 -10.20
C ASP A 243 -5.66 28.73 -9.65
N ARG A 244 -4.61 28.71 -10.46
CA ARG A 244 -3.32 29.27 -10.12
C ARG A 244 -2.51 29.61 -11.38
N HIS A 245 -1.52 30.52 -11.25
CA HIS A 245 -0.64 30.90 -12.36
C HIS A 245 0.38 29.78 -12.52
N LEU A 246 0.91 29.55 -13.72
CA LEU A 246 1.89 28.47 -13.85
C LEU A 246 3.33 28.88 -14.19
N ASP A 247 3.45 29.86 -15.10
CA ASP A 247 4.72 30.46 -15.53
C ASP A 247 5.22 31.46 -14.49
N GLN A 248 6.54 31.77 -14.53
CA GLN A 248 7.13 32.78 -13.62
C GLN A 248 6.58 34.19 -13.97
N LYS A 249 6.39 34.47 -15.29
CA LYS A 249 5.85 35.72 -15.85
C LYS A 249 4.39 36.00 -15.38
N ARG A 250 3.73 35.00 -14.74
CA ARG A 250 2.35 35.02 -14.23
C ARG A 250 1.32 35.38 -15.33
N ARG A 251 1.65 35.13 -16.62
CA ARG A 251 0.76 35.47 -17.76
C ARG A 251 -0.39 34.48 -17.93
N ILE A 252 -0.10 33.18 -17.69
CA ILE A 252 -1.01 32.03 -17.88
C ILE A 252 -1.53 31.40 -16.56
N SER A 253 -2.79 30.96 -16.58
CA SER A 253 -3.47 30.33 -15.45
C SER A 253 -4.05 28.96 -15.81
N LEU A 254 -3.80 27.96 -14.94
CA LEU A 254 -4.23 26.56 -15.08
C LEU A 254 -5.41 26.32 -14.17
N ALA A 255 -6.55 25.88 -14.74
CA ALA A 255 -7.77 25.64 -13.97
C ALA A 255 -8.22 24.19 -14.03
N VAL A 256 -8.11 23.48 -12.86
CA VAL A 256 -8.43 22.05 -12.73
C VAL A 256 -9.76 21.75 -12.06
N THR A 257 -10.57 20.94 -12.75
CA THR A 257 -11.91 20.53 -12.38
C THR A 257 -12.14 19.03 -12.62
N ALA A 258 -12.58 18.32 -11.58
CA ALA A 258 -12.89 16.90 -11.61
C ALA A 258 -14.40 16.70 -11.89
N GLY A 259 -14.75 15.65 -12.64
CA GLY A 259 -16.14 15.35 -12.98
C GLY A 259 -17.00 14.87 -11.81
N GLY A 260 -16.36 14.10 -10.94
CA GLY A 260 -16.90 13.48 -9.74
C GLY A 260 -15.79 12.73 -9.04
N ARG A 261 -16.13 11.64 -8.29
CA ARG A 261 -15.14 10.85 -7.57
C ARG A 261 -14.16 10.13 -8.51
N ALA A 262 -12.94 9.91 -8.01
CA ALA A 262 -11.86 9.38 -8.76
C ALA A 262 -12.09 7.95 -9.01
N SER A 263 -11.22 7.38 -9.87
CA SER A 263 -11.51 6.13 -10.47
C SER A 263 -11.71 5.10 -9.40
N HIS A 264 -10.84 5.12 -8.38
CA HIS A 264 -10.92 3.98 -7.53
C HIS A 264 -10.97 4.48 -6.15
N GLN A 265 -11.09 3.53 -5.20
CA GLN A 265 -11.59 3.90 -3.92
C GLN A 265 -10.78 3.24 -2.86
N LEU A 266 -10.86 3.80 -1.63
CA LEU A 266 -10.11 3.20 -0.57
C LEU A 266 -11.02 2.64 0.47
N GLU A 267 -10.58 1.51 1.07
CA GLU A 267 -11.24 0.77 2.11
C GLU A 267 -10.94 1.39 3.46
N THR A 268 -11.84 1.26 4.46
CA THR A 268 -11.42 1.86 5.73
C THR A 268 -11.10 0.69 6.66
N GLY A 269 -9.90 0.66 7.20
CA GLY A 269 -9.46 -0.40 8.10
C GLY A 269 -8.03 -0.26 8.54
N MET A 270 -7.50 -1.36 9.11
CA MET A 270 -6.11 -1.44 9.61
C MET A 270 -5.18 -1.95 8.53
N TYR A 271 -4.12 -1.20 8.29
CA TYR A 271 -3.08 -1.62 7.36
C TYR A 271 -1.72 -1.52 8.04
N PHE A 272 -0.66 -1.97 7.38
CA PHE A 272 0.71 -1.96 7.87
C PHE A 272 1.66 -2.22 6.72
N SER A 273 2.96 -1.94 6.98
CA SER A 273 4.08 -2.15 6.08
C SER A 273 5.31 -2.30 6.93
N ARG A 274 6.37 -2.88 6.36
CA ARG A 274 7.61 -3.05 7.10
C ARG A 274 8.38 -1.75 7.22
N THR A 275 9.23 -1.66 8.25
CA THR A 275 10.10 -0.51 8.50
C THR A 275 11.56 -0.98 8.54
N SER A 276 12.43 -0.25 7.82
CA SER A 276 13.86 -0.56 7.71
C SER A 276 14.75 0.41 8.54
N ASN A 277 14.41 0.58 9.84
CA ASN A 277 15.11 1.44 10.83
C ASN A 277 15.24 2.90 10.37
N GLY A 278 15.83 3.69 11.15
N GLU A 280 10.99 3.79 8.56
CA GLU A 280 11.35 3.75 7.13
C GLU A 280 10.33 2.91 6.34
N THR A 281 9.23 3.57 5.88
CA THR A 281 8.05 3.03 5.13
C THR A 281 8.34 2.13 3.91
N GLU A 282 7.36 1.28 3.55
CA GLU A 282 7.43 0.32 2.43
C GLU A 282 5.97 0.04 1.90
N GLU A 283 5.80 -0.93 0.96
CA GLU A 283 4.53 -1.33 0.33
C GLU A 283 3.52 -1.90 1.33
N LEU A 284 2.40 -1.19 1.54
CA LEU A 284 1.32 -1.55 2.46
C LEU A 284 0.78 -2.93 2.21
N ARG A 285 0.56 -3.68 3.30
CA ARG A 285 0.02 -5.06 3.34
C ARG A 285 -1.28 -5.08 4.15
N MET A 286 -2.05 -6.16 4.05
CA MET A 286 -3.29 -6.34 4.81
C MET A 286 -3.39 -7.74 5.41
N GLN A 287 -3.46 -7.79 6.73
CA GLN A 287 -3.54 -9.04 7.48
C GLN A 287 -4.24 -8.66 8.78
N PRO A 288 -5.17 -9.51 9.31
CA PRO A 288 -5.85 -9.15 10.58
C PRO A 288 -4.88 -8.53 11.57
N LEU A 289 -5.14 -7.26 11.89
CA LEU A 289 -4.35 -6.37 12.71
C LEU A 289 -5.28 -5.60 13.66
N ASN A 290 -4.80 -5.34 14.88
CA ASN A 290 -5.51 -4.68 15.95
C ASN A 290 -5.52 -3.19 15.84
N GLU A 291 -6.69 -2.59 16.07
CA GLU A 291 -6.77 -1.14 16.10
C GLU A 291 -6.03 -0.76 17.38
N ILE A 292 -5.49 0.45 17.45
CA ILE A 292 -4.71 0.89 18.62
C ILE A 292 -5.31 0.45 19.99
N THR A 293 -6.62 0.70 20.19
CA THR A 293 -7.33 0.39 21.43
C THR A 293 -7.72 -1.08 21.67
N ASP A 294 -7.52 -1.95 20.67
CA ASP A 294 -7.90 -3.37 20.76
C ASP A 294 -6.70 -4.27 21.04
N ASN A 295 -6.96 -5.44 21.66
CA ASN A 295 -5.91 -6.39 21.96
C ASN A 295 -6.31 -7.83 21.81
N ASN A 296 -6.62 -8.18 20.56
CA ASN A 296 -6.98 -9.55 20.18
C ASN A 296 -5.67 -10.29 19.98
N PHE A 297 -5.55 -11.46 20.60
CA PHE A 297 -4.32 -12.22 20.48
C PHE A 297 -4.17 -13.02 19.20
N ASP A 298 -5.29 -13.16 18.43
CA ASP A 298 -5.36 -13.91 17.17
C ASP A 298 -5.08 -13.02 15.98
N ARG A 299 -4.93 -11.71 16.21
CA ARG A 299 -4.67 -10.65 15.22
C ARG A 299 -3.33 -9.96 15.51
N LEU A 300 -2.70 -9.32 14.51
CA LEU A 300 -1.40 -8.65 14.67
C LEU A 300 -1.41 -7.44 15.61
N GLY A 301 -0.20 -7.08 16.07
CA GLY A 301 0.08 -5.91 16.91
C GLY A 301 -0.09 -6.02 18.41
N TRP A 302 -0.02 -7.24 18.99
CA TRP A 302 -0.09 -7.34 20.45
C TRP A 302 1.31 -7.20 21.04
N TYR A 303 2.36 -7.33 20.18
CA TYR A 303 3.77 -7.15 20.50
C TYR A 303 4.17 -5.81 19.89
N ARG A 304 4.13 -4.76 20.73
CA ARG A 304 4.30 -3.36 20.35
C ARG A 304 5.59 -2.68 20.80
N MET A 305 6.13 -1.79 19.96
CA MET A 305 7.36 -1.06 20.23
C MET A 305 7.12 0.31 20.83
N ASP A 306 7.72 0.57 22.00
CA ASP A 306 7.63 1.89 22.62
C ASP A 306 8.80 2.75 22.14
N ASP A 307 8.70 4.07 22.40
CA ASP A 307 9.63 5.19 22.16
C ASP A 307 11.13 4.82 22.07
N SER A 308 11.63 4.10 23.12
CA SER A 308 13.00 3.63 23.29
C SER A 308 13.42 2.59 22.24
N GLY A 309 12.45 1.83 21.76
CA GLY A 309 12.70 0.76 20.81
C GLY A 309 12.56 -0.57 21.49
N HIS A 310 11.93 -0.57 22.68
CA HIS A 310 11.69 -1.79 23.45
C HIS A 310 10.30 -2.35 23.15
N PHE A 311 10.27 -3.62 22.78
CA PHE A 311 9.05 -4.35 22.48
C PHE A 311 8.52 -5.05 23.72
N HIS A 312 7.20 -4.99 23.89
CA HIS A 312 6.50 -5.57 25.00
C HIS A 312 5.13 -6.10 24.57
N VAL A 313 4.58 -7.04 25.34
CA VAL A 313 3.24 -7.58 25.11
C VAL A 313 2.25 -6.62 25.72
N ASN A 314 1.40 -6.06 24.85
CA ASN A 314 0.37 -5.07 25.19
C ASN A 314 -0.49 -5.60 26.31
N ASN A 315 -0.36 -4.98 27.50
CA ASN A 315 -1.01 -5.34 28.76
C ASN A 315 -0.64 -6.79 29.12
N GLY A 316 0.64 -7.12 28.95
CA GLY A 316 1.20 -8.45 29.20
C GLY A 316 0.90 -9.00 30.58
N VAL A 317 1.33 -8.25 31.62
CA VAL A 317 1.13 -8.55 33.04
C VAL A 317 -0.25 -9.25 33.30
N VAL A 318 -1.33 -8.52 32.99
CA VAL A 318 -2.74 -8.82 33.19
C VAL A 318 -3.28 -9.92 32.29
N LYS A 319 -2.96 -9.88 31.01
CA LYS A 319 -3.50 -10.82 30.04
C LYS A 319 -2.80 -12.19 29.98
N MET A 320 -1.48 -12.25 30.32
CA MET A 320 -0.62 -13.44 30.22
C MET A 320 -1.23 -14.77 30.66
N ASP A 321 -2.01 -14.75 31.75
CA ASP A 321 -2.74 -15.87 32.37
C ASP A 321 -3.97 -16.37 31.56
N ASP A 322 -4.49 -15.52 30.63
CA ASP A 322 -5.62 -15.84 29.74
C ASP A 322 -5.07 -16.46 28.44
N ILE A 323 -3.82 -16.13 28.06
CA ILE A 323 -3.21 -16.64 26.84
C ILE A 323 -2.13 -17.71 27.02
N HIS A 324 -1.62 -17.89 28.26
CA HIS A 324 -0.66 -18.96 28.56
C HIS A 324 -1.32 -20.07 29.33
N LYS A 325 -1.21 -21.29 28.80
CA LYS A 325 -1.84 -22.46 29.38
C LYS A 325 -0.88 -23.65 29.49
N ALA A 326 -0.58 -24.04 30.76
CA ALA A 326 0.32 -25.14 31.08
C ALA A 326 -0.21 -26.11 32.15
N LYS A 327 0.06 -27.43 31.95
CA LYS A 327 -0.32 -28.54 32.83
C LYS A 327 0.90 -29.43 33.09
N VAL A 328 1.05 -29.91 34.35
CA VAL A 328 2.17 -30.79 34.77
C VAL A 328 2.10 -32.15 34.09
N LYS A 329 3.25 -32.67 33.66
CA LYS A 329 3.32 -34.01 33.07
C LYS A 329 3.74 -34.98 34.17
N ASN A 330 4.77 -34.60 34.96
CA ASN A 330 5.34 -35.33 36.10
C ASN A 330 6.19 -34.35 36.92
N CYS A 331 5.75 -34.07 38.17
CA CYS A 331 6.46 -33.15 39.07
C CYS A 331 7.86 -33.61 39.48
N LYS A 332 8.08 -34.94 39.56
CA LYS A 332 9.36 -35.53 39.90
C LYS A 332 10.41 -35.22 38.81
N GLU A 333 10.14 -35.63 37.54
CA GLU A 333 11.03 -35.39 36.39
C GLU A 333 11.00 -33.91 35.97
N GLN A 334 10.02 -33.12 36.50
CA GLN A 334 9.78 -31.70 36.20
C GLN A 334 9.37 -31.53 34.70
N THR A 335 8.34 -32.28 34.29
CA THR A 335 7.82 -32.28 32.91
C THR A 335 6.45 -31.58 32.85
N TYR A 336 6.21 -30.83 31.77
CA TYR A 336 4.98 -30.05 31.59
C TYR A 336 4.59 -29.83 30.11
N LYS A 337 3.26 -29.68 29.86
CA LYS A 337 2.65 -29.37 28.54
C LYS A 337 2.42 -27.84 28.49
N SER A 338 2.98 -27.15 27.48
CA SER A 338 2.84 -25.69 27.35
C SER A 338 2.35 -25.20 25.96
N ILE A 339 1.54 -24.10 25.93
CA ILE A 339 1.04 -23.40 24.71
C ILE A 339 0.68 -21.96 24.92
N LEU A 340 0.67 -21.23 23.79
CA LEU A 340 0.24 -19.86 23.69
C LEU A 340 -1.07 -19.81 22.86
N SER A 341 -2.13 -19.23 23.45
CA SER A 341 -3.45 -19.06 22.81
C SER A 341 -3.47 -17.71 22.14
N ALA A 342 -2.69 -17.65 21.05
CA ALA A 342 -2.43 -16.48 20.22
C ALA A 342 -1.94 -16.93 18.85
N ASN A 343 -1.72 -15.95 18.00
CA ASN A 343 -1.23 -16.10 16.65
C ASN A 343 -0.20 -15.00 16.43
N HIS A 344 0.53 -15.10 15.30
CA HIS A 344 1.54 -14.13 14.84
C HIS A 344 2.77 -14.12 15.71
N TYR A 345 3.15 -15.30 16.22
CA TYR A 345 4.35 -15.48 17.05
C TYR A 345 5.29 -16.54 16.47
N MET A 346 6.56 -16.48 16.87
CA MET A 346 7.54 -17.47 16.46
C MET A 346 7.95 -18.30 17.69
N PRO A 347 8.16 -19.62 17.53
CA PRO A 347 8.16 -20.38 16.28
C PRO A 347 6.81 -20.93 15.83
N GLY A 348 6.76 -21.27 14.53
CA GLY A 348 5.65 -21.90 13.81
C GLY A 348 4.27 -21.27 13.82
N HIS A 349 4.15 -19.96 14.09
CA HIS A 349 2.83 -19.35 14.10
C HIS A 349 2.80 -18.02 13.36
N PHE A 350 3.65 -17.88 12.32
CA PHE A 350 3.71 -16.65 11.54
C PHE A 350 4.18 -16.73 10.09
N ASN A 351 3.23 -16.29 9.22
CA ASN A 351 3.37 -15.97 7.83
C ASN A 351 2.81 -14.58 7.62
N LEU A 352 2.94 -14.01 6.41
CA LEU A 352 2.43 -12.68 6.16
C LEU A 352 1.73 -12.62 4.81
N THR A 353 0.79 -11.66 4.72
CA THR A 353 0.07 -11.19 3.53
C THR A 353 0.97 -10.32 2.67
N ARG A 354 0.93 -10.57 1.34
CA ARG A 354 1.67 -9.85 0.31
C ARG A 354 1.21 -8.37 0.25
N PRO A 355 2.04 -7.41 -0.25
CA PRO A 355 1.58 -6.01 -0.35
C PRO A 355 0.29 -5.82 -1.15
N LEU A 356 -0.46 -4.75 -0.85
CA LEU A 356 -1.70 -4.46 -1.56
C LEU A 356 -1.49 -4.38 -3.08
N GLU A 357 -0.36 -3.73 -3.50
CA GLU A 357 0.10 -3.55 -4.89
C GLU A 357 -0.06 -4.84 -5.68
N VAL A 358 0.44 -5.93 -5.10
CA VAL A 358 0.51 -7.28 -5.61
C VAL A 358 -0.90 -7.87 -5.80
N ILE A 359 -1.68 -7.92 -4.71
CA ILE A 359 -3.03 -8.49 -4.68
C ILE A 359 -4.12 -7.64 -5.32
N LYS A 360 -4.00 -6.29 -5.24
CA LYS A 360 -5.02 -5.38 -5.76
C LYS A 360 -4.66 -4.71 -7.08
N PRO A 361 -5.26 -5.18 -8.22
CA PRO A 361 -4.96 -4.56 -9.53
C PRO A 361 -5.17 -3.05 -9.63
N TRP A 362 -6.20 -2.49 -8.97
CA TRP A 362 -6.46 -1.04 -9.02
C TRP A 362 -5.35 -0.20 -8.35
N ILE A 363 -4.51 -0.85 -7.49
CA ILE A 363 -3.41 -0.19 -6.78
C ILE A 363 -2.06 -0.34 -7.49
N GLN A 364 -1.44 0.80 -7.82
CA GLN A 364 -0.08 0.85 -8.42
C GLN A 364 0.95 0.79 -7.28
N SER A 365 0.69 1.54 -6.22
CA SER A 365 1.53 1.65 -5.05
C SER A 365 0.65 2.16 -3.86
N ALA A 366 0.99 1.77 -2.62
CA ALA A 366 0.35 2.17 -1.35
C ALA A 366 1.49 2.15 -0.35
N ARG A 367 2.01 3.33 -0.01
CA ARG A 367 3.19 3.45 0.84
C ARG A 367 3.06 4.63 1.79
N ILE A 368 3.66 4.55 3.00
CA ILE A 368 3.71 5.69 3.95
C ILE A 368 4.62 6.71 3.20
N PHE A 369 4.15 7.96 3.07
CA PHE A 369 4.82 8.96 2.27
C PHE A 369 6.27 9.27 2.61
N ASP A 370 6.57 9.45 3.90
CA ASP A 370 7.92 9.80 4.34
C ASP A 370 8.23 9.42 5.79
N SER A 371 9.37 9.95 6.30
CA SER A 371 9.88 9.71 7.65
C SER A 371 8.99 10.33 8.73
N SER A 372 8.26 11.42 8.43
CA SER A 372 7.39 12.08 9.41
C SER A 372 6.19 11.21 9.79
N LEU A 373 5.87 10.19 8.95
CA LEU A 373 4.81 9.22 9.17
C LEU A 373 3.49 9.86 9.47
N ARG A 374 3.11 10.87 8.67
CA ARG A 374 1.85 11.60 8.84
C ARG A 374 0.80 11.28 7.77
N GLN A 375 1.25 10.84 6.57
CA GLN A 375 0.35 10.55 5.44
C GLN A 375 0.84 9.39 4.65
N ALA A 376 -0.12 8.66 4.08
CA ALA A 376 0.16 7.53 3.20
C ALA A 376 -0.37 7.89 1.84
N VAL A 377 0.37 7.57 0.80
CA VAL A 377 -0.06 7.84 -0.54
C VAL A 377 -0.47 6.57 -1.35
N VAL A 378 -1.73 6.56 -1.82
CA VAL A 378 -2.27 5.50 -2.66
C VAL A 378 -2.33 6.01 -4.06
N THR A 379 -1.49 5.42 -4.93
CA THR A 379 -1.37 5.73 -6.35
C THR A 379 -2.25 4.75 -7.07
N HIS A 380 -3.29 5.29 -7.74
CA HIS A 380 -4.27 4.57 -8.52
C HIS A 380 -3.70 4.04 -9.82
N ALA A 381 -4.02 2.80 -10.15
CA ALA A 381 -3.36 2.10 -11.20
C ALA A 381 -3.58 2.91 -12.44
N GLU A 382 -4.81 3.39 -12.65
CA GLU A 382 -5.02 4.47 -13.58
C GLU A 382 -6.21 5.24 -13.09
N GLY A 383 -6.47 6.41 -13.68
CA GLY A 383 -7.52 7.23 -13.16
C GLY A 383 -8.21 7.89 -14.31
N THR A 384 -9.41 8.45 -14.07
CA THR A 384 -10.11 9.19 -15.13
C THR A 384 -9.41 10.54 -15.44
N ASN A 385 -9.71 11.09 -16.62
CA ASN A 385 -9.16 12.37 -17.07
C ASN A 385 -9.64 13.51 -16.20
N LEU A 386 -8.91 14.61 -16.23
CA LEU A 386 -9.28 15.82 -15.51
C LEU A 386 -9.59 16.89 -16.54
N GLN A 387 -10.50 17.81 -16.17
CA GLN A 387 -10.87 18.92 -17.04
C GLN A 387 -9.98 20.12 -16.82
N ILE A 388 -9.28 20.54 -17.87
CA ILE A 388 -8.38 21.70 -17.84
C ILE A 388 -8.92 22.87 -18.66
N SER A 389 -8.63 24.08 -18.20
CA SER A 389 -8.86 25.32 -18.93
C SER A 389 -7.66 26.24 -18.69
N ILE A 390 -7.03 26.65 -19.81
CA ILE A 390 -5.91 27.60 -19.82
C ILE A 390 -6.40 28.97 -20.27
N HIS A 391 -6.23 29.97 -19.39
CA HIS A 391 -6.62 31.36 -19.62
C HIS A 391 -5.48 32.34 -19.36
N LEU A 392 -5.62 33.59 -19.88
CA LEU A 392 -4.60 34.64 -19.80
C LEU A 392 -5.14 35.96 -19.25
N GLU A 397 -4.79 39.22 -19.82
CA GLU A 397 -5.04 40.01 -21.04
C GLU A 397 -5.56 39.18 -22.26
N SER A 398 -5.28 39.62 -23.53
CA SER A 398 -5.71 38.99 -24.79
C SER A 398 -4.57 38.72 -25.82
N GLN A 399 -4.16 37.44 -25.96
CA GLN A 399 -3.11 36.98 -26.88
C GLN A 399 -3.52 35.69 -27.64
N ASN A 400 -2.54 34.85 -28.08
CA ASN A 400 -2.84 33.63 -28.83
C ASN A 400 -2.17 32.34 -28.34
N LEU A 401 -2.94 31.22 -28.37
CA LEU A 401 -2.49 29.89 -27.93
C LEU A 401 -2.69 28.82 -29.00
N VAL A 402 -1.61 28.08 -29.30
CA VAL A 402 -1.61 26.99 -30.29
C VAL A 402 -1.12 25.74 -29.60
N PHE A 403 -1.85 24.63 -29.77
CA PHE A 403 -1.52 23.36 -29.16
C PHE A 403 -0.83 22.42 -30.13
N PHE A 404 0.28 21.80 -29.69
CA PHE A 404 1.08 20.88 -30.50
C PHE A 404 1.05 19.45 -30.05
N HIS A 405 1.29 18.53 -30.98
CA HIS A 405 1.34 17.12 -30.65
C HIS A 405 2.28 16.29 -31.50
N ASN A 406 3.01 15.40 -30.78
CA ASN A 406 3.93 14.39 -31.24
C ASN A 406 3.20 13.12 -31.58
N ALA A 407 3.96 12.06 -31.97
CA ALA A 407 3.42 10.85 -32.55
C ALA A 407 3.90 9.64 -31.78
N SER A 408 3.41 8.45 -32.17
CA SER A 408 3.44 7.33 -31.27
C SER A 408 4.18 6.18 -31.91
N ARG A 409 4.68 5.24 -31.06
CA ARG A 409 5.42 4.09 -31.52
C ARG A 409 5.27 2.99 -30.51
N ILE A 410 5.49 1.68 -30.92
CA ILE A 410 5.26 0.52 -30.07
C ILE A 410 5.95 -0.71 -30.64
N ARG A 411 6.79 -1.38 -29.83
CA ARG A 411 7.46 -2.59 -30.26
C ARG A 411 6.48 -3.74 -30.01
N ASP A 412 6.19 -4.03 -28.73
CA ASP A 412 5.30 -5.09 -28.28
C ASP A 412 4.51 -4.69 -26.99
N PHE A 413 3.61 -5.58 -26.53
CA PHE A 413 2.82 -5.42 -25.31
C PHE A 413 2.56 -6.77 -24.64
N SER A 414 2.07 -6.72 -23.38
CA SER A 414 1.71 -7.86 -22.55
C SER A 414 0.68 -7.39 -21.55
N GLY A 415 -0.08 -8.32 -20.99
CA GLY A 415 -1.12 -8.00 -20.00
C GLY A 415 -2.13 -9.10 -19.77
N SER A 416 -3.07 -8.83 -18.84
CA SER A 416 -4.14 -9.76 -18.43
C SER A 416 -5.41 -8.99 -18.07
N ILE A 417 -6.55 -9.62 -18.31
CA ILE A 417 -7.83 -8.99 -18.02
C ILE A 417 -8.16 -9.48 -16.65
N ILE A 418 -8.45 -8.54 -15.75
CA ILE A 418 -8.68 -8.87 -14.35
C ILE A 418 -9.88 -8.17 -13.77
N VAL A 419 -10.65 -8.90 -12.96
CA VAL A 419 -11.75 -8.40 -12.15
C VAL A 419 -11.17 -8.58 -10.74
N ASP A 420 -10.79 -7.48 -10.05
CA ASP A 420 -10.18 -7.56 -8.71
C ASP A 420 -11.18 -7.77 -7.57
N SER A 421 -10.69 -8.02 -6.35
CA SER A 421 -11.52 -8.25 -5.15
C SER A 421 -12.51 -7.11 -4.86
N LYS A 422 -12.16 -5.86 -5.26
CA LYS A 422 -13.01 -4.69 -5.07
C LYS A 422 -13.97 -4.42 -6.27
N SER A 423 -14.15 -5.46 -7.13
CA SER A 423 -14.98 -5.53 -8.32
C SER A 423 -14.54 -4.67 -9.53
N ASN A 424 -13.24 -4.33 -9.61
CA ASN A 424 -12.71 -3.53 -10.72
C ASN A 424 -12.33 -4.37 -11.94
N ARG A 425 -13.02 -4.12 -13.07
CA ARG A 425 -12.76 -4.75 -14.36
C ARG A 425 -11.78 -3.89 -15.14
N LEU A 426 -10.52 -4.34 -15.22
CA LEU A 426 -9.45 -3.67 -15.96
C LEU A 426 -8.51 -4.60 -16.73
N PHE A 427 -7.79 -4.02 -17.72
CA PHE A 427 -6.78 -4.69 -18.53
C PHE A 427 -5.43 -4.22 -17.99
N ASN A 428 -4.70 -5.12 -17.32
CA ASN A 428 -3.41 -4.77 -16.71
C ASN A 428 -2.32 -4.78 -17.79
N LEU A 429 -2.35 -3.71 -18.63
CA LEU A 429 -1.48 -3.51 -19.79
C LEU A 429 -0.07 -3.08 -19.48
N THR A 430 0.89 -3.69 -20.19
CA THR A 430 2.31 -3.36 -20.18
C THR A 430 2.79 -3.24 -21.62
N VAL A 431 3.25 -2.02 -22.00
CA VAL A 431 3.75 -1.66 -23.32
C VAL A 431 5.29 -1.73 -23.34
N TYR A 432 5.88 -2.10 -24.49
CA TYR A 432 7.34 -2.24 -24.62
C TYR A 432 7.84 -1.39 -25.74
N GLU A 433 8.89 -0.60 -25.47
CA GLU A 433 9.51 0.35 -26.41
C GLU A 433 8.42 1.13 -27.15
N ALA A 434 7.67 1.93 -26.36
CA ALA A 434 6.50 2.71 -26.77
C ALA A 434 6.52 4.17 -26.38
N SER A 435 5.82 5.01 -27.17
CA SER A 435 5.71 6.44 -26.95
C SER A 435 4.51 7.01 -27.70
N GLY A 436 3.90 8.05 -27.16
CA GLY A 436 2.76 8.73 -27.77
C GLY A 436 1.39 8.11 -27.55
N LYS A 437 0.51 8.29 -28.53
CA LYS A 437 -0.85 7.80 -28.50
C LYS A 437 -0.90 6.34 -29.01
N ILE A 438 -1.39 5.41 -28.18
CA ILE A 438 -1.48 4.01 -28.55
C ILE A 438 -2.93 3.54 -28.50
N ASP A 439 -3.44 3.02 -29.64
CA ASP A 439 -4.81 2.54 -29.80
C ASP A 439 -5.01 1.03 -29.70
N GLY A 440 -5.88 0.64 -28.76
CA GLY A 440 -6.27 -0.74 -28.53
C GLY A 440 -7.67 -1.03 -29.02
N SER A 441 -7.91 -2.31 -29.28
CA SER A 441 -9.16 -2.86 -29.78
C SER A 441 -9.35 -4.23 -29.12
N VAL A 442 -10.33 -4.35 -28.24
CA VAL A 442 -10.61 -5.60 -27.53
C VAL A 442 -11.53 -6.38 -28.43
N LYS A 443 -11.19 -7.66 -28.69
CA LYS A 443 -11.92 -8.52 -29.60
C LYS A 443 -12.86 -9.53 -28.91
N MET A 444 -13.91 -9.94 -29.63
CA MET A 444 -14.96 -10.89 -29.25
C MET A 444 -14.39 -12.23 -28.73
N SER A 445 -13.73 -13.00 -29.62
CA SER A 445 -13.15 -14.31 -29.34
C SER A 445 -11.60 -14.22 -29.29
N THR A 446 -10.93 -15.40 -29.16
CA THR A 446 -9.47 -15.54 -29.13
C THR A 446 -8.86 -15.24 -30.50
N GLY A 447 -9.68 -15.40 -31.54
CA GLY A 447 -9.29 -15.16 -32.92
C GLY A 447 -9.01 -13.69 -33.23
N PHE A 448 -7.83 -13.41 -33.82
CA PHE A 448 -7.54 -12.03 -34.24
C PHE A 448 -8.49 -11.84 -35.43
N GLY A 449 -9.02 -10.65 -35.57
CA GLY A 449 -9.96 -10.46 -36.67
C GLY A 449 -11.41 -10.70 -36.30
N SER A 450 -11.69 -11.24 -35.07
CA SER A 450 -13.07 -11.39 -34.56
C SER A 450 -13.62 -9.99 -34.26
N ASP A 451 -14.92 -9.87 -33.97
CA ASP A 451 -15.54 -8.55 -33.74
C ASP A 451 -15.02 -7.77 -32.54
N THR A 452 -14.81 -6.46 -32.74
CA THR A 452 -14.37 -5.51 -31.73
C THR A 452 -15.50 -5.32 -30.72
N ILE A 453 -15.18 -5.45 -29.42
CA ILE A 453 -16.17 -5.27 -28.35
C ILE A 453 -15.95 -3.96 -27.54
N HIS A 454 -14.69 -3.48 -27.53
CA HIS A 454 -14.31 -2.20 -26.91
C HIS A 454 -13.16 -1.61 -27.69
N THR A 455 -13.02 -0.28 -27.68
CA THR A 455 -11.89 0.39 -28.34
C THR A 455 -11.33 1.37 -27.34
N PHE A 456 -10.01 1.33 -27.18
CA PHE A 456 -9.32 2.23 -26.28
C PHE A 456 -8.12 2.94 -26.94
N THR A 457 -7.58 3.98 -26.24
CA THR A 457 -6.46 4.85 -26.57
C THR A 457 -5.73 5.20 -25.25
N ALA A 458 -4.44 4.83 -25.14
CA ALA A 458 -3.55 5.10 -24.00
C ALA A 458 -2.50 6.10 -24.49
N TYR A 459 -1.99 6.96 -23.61
CA TYR A 459 -0.99 7.97 -23.97
C TYR A 459 0.21 7.80 -23.11
N VAL A 460 1.36 7.45 -23.71
CA VAL A 460 2.67 7.26 -23.07
C VAL A 460 3.41 8.60 -23.17
N SER A 461 3.75 9.18 -22.03
CA SER A 461 4.35 10.52 -21.91
C SER A 461 5.86 10.68 -22.26
N ASP A 462 6.60 9.55 -22.33
CA ASP A 462 8.04 9.55 -22.62
C ASP A 462 8.29 9.94 -24.05
N LEU A 463 9.20 10.92 -24.27
CA LEU A 463 9.60 11.40 -25.59
C LEU A 463 10.23 10.25 -26.35
N HIS A 464 11.16 9.54 -25.66
CA HIS A 464 11.88 8.38 -26.14
C HIS A 464 11.15 7.13 -25.73
N ALA A 465 10.98 6.19 -26.69
CA ALA A 465 10.30 4.92 -26.53
C ALA A 465 10.82 4.17 -25.30
N SER A 466 9.92 3.94 -24.33
CA SER A 466 10.24 3.25 -23.10
C SER A 466 9.15 2.23 -22.75
N ASN A 467 9.41 1.40 -21.70
CA ASN A 467 8.50 0.38 -21.21
C ASN A 467 7.73 0.90 -20.01
N ARG A 468 6.39 0.95 -20.17
CA ARG A 468 5.48 1.45 -19.15
C ARG A 468 4.37 0.43 -18.84
N SER A 469 3.80 0.52 -17.64
CA SER A 469 2.73 -0.34 -17.19
C SER A 469 1.49 0.52 -16.91
N MET A 470 0.28 0.07 -17.31
CA MET A 470 -0.95 0.86 -17.10
C MET A 470 -2.24 0.05 -16.89
N ILE A 471 -3.24 0.73 -16.33
CA ILE A 471 -4.55 0.19 -16.05
C ILE A 471 -5.59 0.72 -17.04
N ILE A 472 -6.27 -0.23 -17.71
CA ILE A 472 -7.28 0.12 -18.70
C ILE A 472 -8.66 -0.33 -18.24
N PRO A 473 -9.49 0.65 -17.82
CA PRO A 473 -10.86 0.33 -17.43
C PRO A 473 -11.63 -0.25 -18.62
N LEU A 474 -12.37 -1.36 -18.35
CA LEU A 474 -13.14 -2.09 -19.34
C LEU A 474 -14.62 -2.16 -19.03
N PRO A 475 -15.48 -2.15 -20.07
CA PRO A 475 -16.92 -2.32 -19.83
C PRO A 475 -17.25 -3.75 -19.42
N ALA A 476 -18.47 -3.97 -18.99
CA ALA A 476 -18.94 -5.26 -18.55
C ALA A 476 -19.10 -6.25 -19.69
N ILE A 477 -19.13 -5.76 -20.95
CA ILE A 477 -19.22 -6.60 -22.17
C ILE A 477 -17.99 -7.51 -22.28
N VAL A 478 -16.84 -7.03 -21.80
CA VAL A 478 -15.59 -7.76 -21.78
C VAL A 478 -15.71 -8.74 -20.58
N GLY A 479 -16.52 -9.78 -20.81
CA GLY A 479 -16.88 -10.81 -19.84
C GLY A 479 -15.85 -11.91 -19.74
N GLN A 480 -16.21 -13.01 -19.02
CA GLN A 480 -15.34 -14.17 -18.79
C GLN A 480 -14.72 -14.77 -20.05
N GLY A 481 -13.63 -15.51 -19.88
CA GLY A 481 -12.95 -16.19 -20.98
C GLY A 481 -11.86 -15.37 -21.63
N ALA A 482 -10.86 -16.07 -22.19
CA ALA A 482 -9.73 -15.43 -22.87
C ALA A 482 -10.17 -14.85 -24.20
N ARG A 483 -9.47 -13.79 -24.64
CA ARG A 483 -9.77 -13.10 -25.88
C ARG A 483 -8.56 -12.37 -26.47
N ALA A 484 -8.67 -11.96 -27.74
CA ALA A 484 -7.63 -11.21 -28.43
C ALA A 484 -7.79 -9.71 -28.23
N ILE A 485 -6.66 -9.00 -28.13
CA ILE A 485 -6.56 -7.55 -28.02
C ILE A 485 -5.49 -7.11 -28.99
N CYS A 486 -5.81 -6.07 -29.77
CA CYS A 486 -4.91 -5.55 -30.76
C CYS A 486 -4.54 -4.10 -30.54
N LEU A 487 -3.24 -3.86 -30.37
CA LEU A 487 -2.67 -2.53 -30.19
C LEU A 487 -1.98 -2.09 -31.47
N ARG A 488 -2.10 -0.79 -31.79
CA ARG A 488 -1.57 -0.11 -32.96
C ARG A 488 -1.28 1.34 -32.50
N ALA A 489 -0.07 1.89 -32.76
CA ALA A 489 0.22 3.29 -32.39
C ALA A 489 -0.54 4.27 -33.31
N ASP A 490 -0.33 5.60 -33.17
CA ASP A 490 -1.05 6.50 -34.07
C ASP A 490 -0.41 6.60 -35.46
N SER A 491 -1.29 6.59 -36.49
CA SER A 491 -0.99 6.62 -37.93
C SER A 491 -0.14 5.42 -38.46
N MET A 492 -0.16 4.29 -37.71
CA MET A 492 0.52 3.06 -38.08
C MET A 492 -0.36 2.18 -38.95
N ALA A 493 0.23 1.65 -40.04
CA ALA A 493 -0.46 0.76 -40.97
C ALA A 493 -0.91 -0.50 -40.22
N ASP A 494 -2.05 -1.11 -40.65
CA ASP A 494 -2.57 -2.31 -39.99
C ASP A 494 -1.70 -3.59 -40.09
N ILE A 495 -0.48 -3.46 -40.66
CA ILE A 495 0.50 -4.55 -40.76
C ILE A 495 1.28 -4.55 -39.43
N ASP A 496 1.60 -3.32 -38.94
CA ASP A 496 2.33 -3.07 -37.70
C ASP A 496 1.49 -3.43 -36.44
N LYS A 497 0.15 -3.53 -36.54
CA LYS A 497 -0.73 -3.86 -35.42
C LYS A 497 -0.42 -5.22 -34.73
N ILE A 498 0.06 -5.15 -33.47
CA ILE A 498 0.40 -6.31 -32.61
C ILE A 498 -0.89 -6.89 -32.02
N CYS A 499 -1.05 -8.19 -32.12
CA CYS A 499 -2.19 -8.85 -31.51
C CYS A 499 -1.66 -9.96 -30.64
N HIS A 500 -2.41 -10.27 -29.57
CA HIS A 500 -2.13 -11.34 -28.61
C HIS A 500 -3.45 -11.81 -28.01
N VAL A 501 -3.50 -13.10 -27.63
CA VAL A 501 -4.62 -13.69 -26.88
C VAL A 501 -4.28 -13.41 -25.39
N ILE A 502 -5.19 -12.68 -24.71
CA ILE A 502 -5.04 -12.21 -23.33
C ILE A 502 -5.88 -13.02 -22.34
N GLU A 503 -5.28 -13.38 -21.21
CA GLU A 503 -5.94 -14.21 -20.23
C GLU A 503 -6.88 -13.48 -19.28
N TYR A 504 -7.95 -14.16 -18.87
CA TYR A 504 -8.95 -13.57 -17.97
C TYR A 504 -8.81 -14.16 -16.60
N PHE A 505 -8.54 -13.32 -15.60
CA PHE A 505 -8.46 -13.71 -14.19
C PHE A 505 -9.56 -13.01 -13.44
N GLU A 506 -9.97 -13.55 -12.27
CA GLU A 506 -11.01 -12.96 -11.44
C GLU A 506 -10.88 -13.28 -9.92
N SER A 507 -10.69 -12.24 -9.09
CA SER A 507 -10.64 -12.37 -7.64
C SER A 507 -12.03 -12.21 -7.05
N PRO A 508 -12.43 -13.03 -6.06
CA PRO A 508 -13.73 -12.80 -5.42
C PRO A 508 -13.58 -11.78 -4.28
N LEU A 509 -14.67 -11.56 -3.53
CA LEU A 509 -14.76 -10.63 -2.44
C LEU A 509 -14.27 -11.23 -1.13
N GLU A 510 -14.31 -10.51 -0.10
N ILE A 546 -0.17 -28.97 18.21
CA ILE A 546 0.06 -27.56 18.55
C ILE A 546 0.79 -27.39 19.89
N LYS A 547 0.54 -28.28 20.88
CA LYS A 547 1.21 -28.22 22.20
C LYS A 547 2.69 -28.57 22.11
N GLY A 548 3.54 -27.71 22.66
CA GLY A 548 4.99 -27.90 22.67
C GLY A 548 5.53 -28.34 24.01
N ILE A 549 5.38 -29.66 24.33
CA ILE A 549 5.80 -30.32 25.59
C ILE A 549 7.34 -30.34 25.80
N SER A 550 7.81 -29.80 26.94
CA SER A 550 9.22 -29.76 27.29
C SER A 550 9.48 -30.09 28.77
N SER A 551 10.65 -30.71 29.04
CA SER A 551 11.15 -31.04 30.38
C SER A 551 11.98 -29.83 30.77
N ILE A 552 11.65 -29.18 31.93
CA ILE A 552 12.26 -27.92 32.43
C ILE A 552 13.68 -27.57 31.93
N GLY A 553 14.62 -28.51 32.03
CA GLY A 553 16.01 -28.34 31.59
C GLY A 553 16.92 -27.69 32.62
N ASP A 554 16.39 -26.66 33.30
CA ASP A 554 17.08 -25.87 34.33
C ASP A 554 17.24 -26.64 35.66
N GLY A 555 16.52 -27.77 35.78
CA GLY A 555 16.54 -28.61 36.97
C GLY A 555 15.80 -28.02 38.15
N VAL A 556 15.44 -28.85 39.11
CA VAL A 556 14.76 -28.37 40.30
C VAL A 556 15.73 -28.05 41.43
N MET A 557 15.54 -26.86 41.98
CA MET A 557 16.28 -26.29 43.10
C MET A 557 15.57 -26.70 44.40
N ILE A 558 14.25 -27.04 44.30
CA ILE A 558 13.40 -27.48 45.42
C ILE A 558 12.82 -28.87 45.13
N ALA A 559 13.58 -29.92 45.50
CA ALA A 559 13.23 -31.33 45.33
C ALA A 559 12.18 -31.78 46.35
N THR A 560 12.57 -31.98 47.64
CA THR A 560 11.68 -32.43 48.73
C THR A 560 11.42 -31.33 49.75
N ASP A 561 10.68 -31.60 50.74
#